data_5CWV
#
_entry.id   5CWV
#
_cell.length_a   64.745
_cell.length_b   114.474
_cell.length_c   114.685
_cell.angle_alpha   90.00
_cell.angle_beta   90.00
_cell.angle_gamma   90.00
#
_symmetry.space_group_name_H-M   'P 21 21 21'
#
_entity_poly.entity_id   1
_entity_poly.type   'polypeptide(L)'
_entity_poly.pdbx_seq_one_letter_code
;GPH(MSE)GDKLFQLFQLCLSAISQCSGTPELRSLYYSICYRYLTAVVDNDATVAATPASSTIGPTRSVTNARARTLKAI
TLYGDRLLNVICDDAYGSDTTCQTAA(MSE)ILLNALVHTSRASSAAGVSPADVDCPIIDALNRLNFIGVLVDSLKEILN
EWLAPSSTFDPSLSTNASPSLPIPASPSQQYTSAKLALLLQLCQTRQGAKYVLQANLFRALEQSGVFAADPELVEVDSES
GVPRVVALERHYALLVALARVVGAAVTARGAHNIVQGRKFLTQHRGLVVHVLKKNAGIGGGVVGNSLASSINGGSTAT
(MSE)TRRDEILAQQALEERIEELAEAF(MSE)LLITATGFLEYESEQVPSEQPRAHTTFFH
;
_entity_poly.pdbx_strand_id   A,B
#
# COMPACT_ATOMS: atom_id res chain seq x y z
N GLY A 5 -0.83 -28.32 -5.50
CA GLY A 5 -1.61 -27.46 -6.37
C GLY A 5 -0.75 -26.49 -7.16
N ASP A 6 0.18 -27.03 -7.93
CA ASP A 6 1.07 -26.22 -8.76
C ASP A 6 0.64 -26.32 -10.22
N LYS A 7 -0.13 -27.36 -10.53
CA LYS A 7 -0.68 -27.51 -11.87
C LYS A 7 -1.92 -26.63 -12.01
N LEU A 8 -2.52 -26.29 -10.87
CA LEU A 8 -3.67 -25.39 -10.86
C LEU A 8 -3.22 -23.94 -10.85
N PHE A 9 -1.94 -23.70 -10.59
CA PHE A 9 -1.42 -22.34 -10.56
C PHE A 9 -1.45 -21.71 -11.94
N GLN A 10 -0.99 -22.44 -12.95
CA GLN A 10 -0.95 -21.91 -14.31
C GLN A 10 -2.36 -21.66 -14.81
N LEU A 11 -3.33 -22.40 -14.26
CA LEU A 11 -4.74 -22.15 -14.55
C LEU A 11 -5.15 -20.82 -13.91
N PHE A 12 -4.76 -20.63 -12.66
CA PHE A 12 -5.02 -19.38 -11.95
C PHE A 12 -4.46 -18.21 -12.75
N GLN A 13 -3.32 -18.42 -13.37
CA GLN A 13 -2.67 -17.37 -14.16
C GLN A 13 -3.47 -17.07 -15.41
N LEU A 14 -3.88 -18.12 -16.13
CA LEU A 14 -4.67 -17.93 -17.35
C LEU A 14 -5.96 -17.19 -17.04
N CYS A 15 -6.55 -17.48 -15.88
CA CYS A 15 -7.78 -16.84 -15.46
C CYS A 15 -7.55 -15.35 -15.28
N LEU A 16 -6.53 -15.01 -14.49
CA LEU A 16 -6.18 -13.61 -14.26
C LEU A 16 -5.94 -12.87 -15.57
N SER A 17 -5.28 -13.52 -16.52
CA SER A 17 -5.03 -12.91 -17.83
C SER A 17 -6.34 -12.53 -18.53
N ALA A 18 -7.18 -13.53 -18.76
CA ALA A 18 -8.45 -13.30 -19.45
C ALA A 18 -9.24 -12.17 -18.81
N ILE A 19 -9.37 -12.23 -17.49
CA ILE A 19 -10.10 -11.23 -16.74
C ILE A 19 -9.59 -9.83 -17.06
N SER A 20 -8.30 -9.59 -16.81
CA SER A 20 -7.71 -8.29 -17.09
C SER A 20 -8.06 -7.81 -18.49
N GLN A 21 -7.97 -8.73 -19.46
CA GLN A 21 -8.28 -8.40 -20.85
C GLN A 21 -9.75 -8.03 -21.03
N CYS A 22 -10.62 -8.71 -20.29
CA CYS A 22 -12.07 -8.44 -20.30
C CYS A 22 -12.77 -8.89 -21.58
N SER A 23 -12.15 -9.80 -22.33
CA SER A 23 -12.78 -10.36 -23.52
C SER A 23 -13.68 -11.56 -23.17
N GLY A 24 -14.99 -11.40 -23.42
CA GLY A 24 -15.93 -12.48 -23.19
C GLY A 24 -17.26 -12.06 -22.60
N THR A 25 -18.28 -12.90 -22.76
CA THR A 25 -19.56 -12.68 -22.12
C THR A 25 -19.34 -12.77 -20.62
N PRO A 26 -20.09 -11.98 -19.83
CA PRO A 26 -19.93 -12.09 -18.38
C PRO A 26 -20.08 -13.53 -17.91
N GLU A 27 -20.80 -14.34 -18.67
CA GLU A 27 -20.94 -15.76 -18.39
C GLU A 27 -19.58 -16.46 -18.31
N LEU A 28 -18.67 -16.05 -19.19
CA LEU A 28 -17.33 -16.62 -19.22
C LEU A 28 -16.50 -16.11 -18.03
N ARG A 29 -16.69 -14.84 -17.69
CA ARG A 29 -15.98 -14.24 -16.57
C ARG A 29 -16.51 -14.75 -15.23
N SER A 30 -17.75 -15.24 -15.22
CA SER A 30 -18.30 -15.85 -14.01
C SER A 30 -17.53 -17.14 -13.76
N LEU A 31 -17.23 -17.85 -14.84
CA LEU A 31 -16.45 -19.08 -14.76
C LEU A 31 -15.06 -18.76 -14.23
N TYR A 32 -14.44 -17.73 -14.80
CA TYR A 32 -13.11 -17.30 -14.34
C TYR A 32 -13.11 -16.95 -12.86
N TYR A 33 -14.15 -16.26 -12.41
CA TYR A 33 -14.24 -15.81 -11.03
C TYR A 33 -14.41 -17.00 -10.10
N SER A 34 -15.17 -18.01 -10.54
CA SER A 34 -15.39 -19.20 -9.75
C SER A 34 -14.09 -19.98 -9.56
N ILE A 35 -13.36 -20.15 -10.65
CA ILE A 35 -12.09 -20.88 -10.61
C ILE A 35 -11.09 -20.17 -9.68
N CYS A 36 -11.02 -18.85 -9.79
CA CYS A 36 -10.10 -18.06 -8.98
C CYS A 36 -10.49 -18.10 -7.50
N TYR A 37 -11.79 -18.14 -7.24
CA TYR A 37 -12.27 -18.21 -5.87
C TYR A 37 -11.84 -19.54 -5.25
N ARG A 38 -12.01 -20.62 -6.00
CA ARG A 38 -11.68 -21.95 -5.50
C ARG A 38 -10.18 -22.11 -5.33
N TYR A 39 -9.39 -21.48 -6.19
CA TYR A 39 -7.95 -21.55 -6.08
C TYR A 39 -7.43 -20.80 -4.85
N LEU A 40 -8.03 -19.64 -4.57
CA LEU A 40 -7.60 -18.84 -3.43
C LEU A 40 -8.08 -19.41 -2.09
N THR A 41 -9.05 -20.32 -2.14
CA THR A 41 -9.59 -20.93 -0.92
C THR A 41 -9.11 -22.37 -0.75
N ALA A 42 -8.56 -22.94 -1.82
CA ALA A 42 -7.99 -24.28 -1.79
C ALA A 42 -6.49 -24.25 -1.52
N VAL A 43 -5.94 -23.05 -1.35
CA VAL A 43 -4.52 -22.88 -1.09
C VAL A 43 -4.22 -22.75 0.40
N VAL A 44 -5.09 -22.06 1.13
CA VAL A 44 -4.89 -21.87 2.57
C VAL A 44 -5.31 -23.10 3.36
N ASP A 45 -6.32 -23.81 2.88
CA ASP A 45 -6.82 -25.01 3.54
C ASP A 45 -7.90 -25.69 2.71
N ARG A 63 8.78 -21.52 5.65
CA ARG A 63 9.08 -20.72 4.48
C ARG A 63 8.54 -21.39 3.22
N SER A 64 7.54 -22.24 3.38
CA SER A 64 6.90 -22.91 2.25
C SER A 64 5.44 -22.50 2.12
N VAL A 65 4.80 -22.20 3.25
CA VAL A 65 3.41 -21.76 3.24
C VAL A 65 3.30 -20.28 2.85
N THR A 66 4.30 -19.50 3.25
CA THR A 66 4.33 -18.08 2.91
C THR A 66 4.80 -17.86 1.47
N ASN A 67 5.66 -18.75 0.99
CA ASN A 67 6.17 -18.68 -0.37
C ASN A 67 5.09 -18.93 -1.41
N ALA A 68 4.11 -19.76 -1.04
CA ALA A 68 3.00 -20.06 -1.94
C ALA A 68 2.04 -18.88 -1.95
N ARG A 69 1.68 -18.41 -0.75
CA ARG A 69 0.85 -17.23 -0.62
C ARG A 69 1.54 -16.04 -1.31
N ALA A 70 2.86 -16.10 -1.36
CA ALA A 70 3.65 -15.07 -2.03
C ALA A 70 3.53 -15.19 -3.54
N ARG A 71 3.57 -16.42 -4.04
CA ARG A 71 3.46 -16.65 -5.48
C ARG A 71 2.10 -16.15 -5.96
N THR A 72 1.07 -16.40 -5.13
CA THR A 72 -0.30 -16.04 -5.47
C THR A 72 -0.50 -14.53 -5.48
N LEU A 73 -0.19 -13.90 -4.36
CA LEU A 73 -0.32 -12.45 -4.23
C LEU A 73 0.44 -11.80 -5.38
N LYS A 74 1.58 -12.37 -5.74
CA LYS A 74 2.39 -11.86 -6.85
C LYS A 74 1.64 -11.97 -8.17
N ALA A 75 0.96 -13.10 -8.38
CA ALA A 75 0.21 -13.32 -9.61
C ALA A 75 -0.92 -12.30 -9.75
N ILE A 76 -1.57 -11.99 -8.64
CA ILE A 76 -2.68 -11.04 -8.64
C ILE A 76 -2.21 -9.63 -8.94
N THR A 77 -1.20 -9.19 -8.20
CA THR A 77 -0.71 -7.81 -8.28
C THR A 77 0.04 -7.52 -9.58
N LEU A 78 0.31 -8.57 -10.35
CA LEU A 78 1.04 -8.43 -11.60
C LEU A 78 0.27 -7.57 -12.59
N TYR A 79 -1.03 -7.80 -12.68
CA TYR A 79 -1.87 -7.10 -13.65
C TYR A 79 -2.33 -5.73 -13.13
N GLY A 80 -2.20 -5.51 -11.83
CA GLY A 80 -2.48 -4.21 -11.25
C GLY A 80 -3.95 -3.84 -11.30
N ASP A 81 -4.21 -2.54 -11.34
CA ASP A 81 -5.58 -2.01 -11.35
C ASP A 81 -6.36 -2.51 -12.55
N ARG A 82 -5.64 -2.77 -13.64
CA ARG A 82 -6.26 -3.27 -14.87
C ARG A 82 -7.11 -4.50 -14.58
N LEU A 83 -6.70 -5.27 -13.58
CA LEU A 83 -7.42 -6.47 -13.18
C LEU A 83 -8.56 -6.15 -12.21
N LEU A 84 -8.27 -5.35 -11.20
CA LEU A 84 -9.25 -5.02 -10.18
C LEU A 84 -10.45 -4.28 -10.77
N ASN A 85 -10.23 -3.60 -11.89
CA ASN A 85 -11.32 -2.91 -12.58
C ASN A 85 -12.37 -3.89 -13.09
N VAL A 86 -11.97 -4.76 -14.00
CA VAL A 86 -12.89 -5.71 -14.62
C VAL A 86 -13.71 -6.47 -13.58
N ILE A 87 -13.07 -6.81 -12.48
CA ILE A 87 -13.74 -7.57 -11.42
C ILE A 87 -14.71 -6.68 -10.66
N CYS A 88 -14.36 -5.40 -10.54
CA CYS A 88 -15.17 -4.48 -9.76
C CYS A 88 -16.43 -4.06 -10.51
N ASP A 89 -16.29 -3.66 -11.76
CA ASP A 89 -17.43 -3.16 -12.51
C ASP A 89 -18.35 -4.28 -12.97
N ASP A 90 -17.94 -5.53 -12.76
CA ASP A 90 -18.83 -6.67 -12.92
C ASP A 90 -19.62 -6.86 -11.64
N ALA A 91 -19.01 -6.49 -10.51
CA ALA A 91 -19.68 -6.59 -9.22
C ALA A 91 -20.82 -5.58 -9.18
N TYR A 92 -20.76 -4.61 -10.07
CA TYR A 92 -21.82 -3.63 -10.22
C TYR A 92 -22.21 -3.50 -11.69
N GLY A 93 -22.79 -4.56 -12.23
CA GLY A 93 -23.21 -4.58 -13.61
C GLY A 93 -24.60 -5.20 -13.75
N SER A 94 -25.03 -5.38 -14.99
CA SER A 94 -26.35 -5.93 -15.27
C SER A 94 -26.45 -7.38 -14.81
N ASP A 95 -25.63 -8.24 -15.42
CA ASP A 95 -25.67 -9.67 -15.13
C ASP A 95 -25.56 -9.92 -13.63
N THR A 96 -26.54 -10.64 -13.09
CA THR A 96 -26.59 -10.94 -11.66
C THR A 96 -25.72 -12.13 -11.31
N THR A 97 -25.79 -13.18 -12.12
CA THR A 97 -24.99 -14.38 -11.89
C THR A 97 -23.51 -14.06 -11.91
N CYS A 98 -23.15 -12.97 -12.58
CA CYS A 98 -21.77 -12.55 -12.70
C CYS A 98 -21.32 -11.71 -11.50
N GLN A 99 -22.15 -10.76 -11.09
CA GLN A 99 -21.78 -9.85 -10.02
C GLN A 99 -21.61 -10.58 -8.70
N THR A 100 -22.26 -11.73 -8.55
CA THR A 100 -22.10 -12.53 -7.34
C THR A 100 -20.70 -13.15 -7.32
N ALA A 101 -20.33 -13.79 -8.43
CA ALA A 101 -19.00 -14.39 -8.55
C ALA A 101 -17.92 -13.34 -8.34
N ALA A 102 -18.18 -12.13 -8.83
CA ALA A 102 -17.21 -11.04 -8.74
C ALA A 102 -17.05 -10.55 -7.31
N ILE A 104 -17.66 -12.21 -4.60
CA ILE A 104 -17.03 -13.26 -3.84
C ILE A 104 -15.53 -13.28 -4.10
N LEU A 105 -15.14 -13.12 -5.36
CA LEU A 105 -13.73 -13.11 -5.72
C LEU A 105 -12.99 -11.99 -5.01
N LEU A 106 -13.59 -10.80 -5.00
CA LEU A 106 -12.98 -9.66 -4.31
C LEU A 106 -12.80 -9.98 -2.84
N ASN A 107 -13.86 -10.47 -2.21
CA ASN A 107 -13.80 -10.85 -0.81
C ASN A 107 -12.67 -11.83 -0.55
N ALA A 108 -12.42 -12.72 -1.51
CA ALA A 108 -11.36 -13.70 -1.39
C ALA A 108 -9.98 -13.08 -1.65
N LEU A 109 -9.94 -12.04 -2.48
CA LEU A 109 -8.69 -11.41 -2.86
C LEU A 109 -8.14 -10.57 -1.71
N VAL A 110 -9.02 -9.93 -0.96
CA VAL A 110 -8.58 -9.15 0.20
C VAL A 110 -8.33 -10.05 1.41
N HIS A 111 -8.65 -11.33 1.29
CA HIS A 111 -8.39 -12.27 2.37
C HIS A 111 -7.03 -12.93 2.22
N THR A 112 -6.71 -13.37 1.00
CA THR A 112 -5.39 -13.95 0.75
C THR A 112 -4.31 -12.89 0.82
N SER A 113 -4.71 -11.61 0.75
CA SER A 113 -3.75 -10.52 0.78
C SER A 113 -3.37 -10.18 2.21
N ARG A 114 -4.30 -10.38 3.15
CA ARG A 114 -4.00 -10.21 4.56
C ARG A 114 -3.32 -11.46 5.11
N ALA A 115 -3.66 -12.61 4.52
CA ALA A 115 -3.04 -13.87 4.89
C ALA A 115 -1.55 -13.84 4.53
N SER A 116 -1.20 -12.97 3.59
CA SER A 116 0.19 -12.74 3.22
C SER A 116 0.83 -11.72 4.18
N SER A 117 0.48 -11.81 5.46
CA SER A 117 1.03 -10.89 6.46
C SER A 117 0.91 -11.51 7.85
N PRO A 123 2.58 -8.81 13.02
CA PRO A 123 2.66 -7.53 12.32
C PRO A 123 1.29 -7.04 11.83
N ALA A 124 0.73 -6.05 12.51
CA ALA A 124 -0.60 -5.56 12.19
C ALA A 124 -0.57 -4.44 11.15
N ASP A 125 0.61 -3.87 10.92
CA ASP A 125 0.72 -2.78 9.96
C ASP A 125 0.76 -3.33 8.54
N VAL A 126 -0.31 -4.04 8.19
CA VAL A 126 -0.50 -4.54 6.83
C VAL A 126 -0.88 -3.36 5.95
N ASP A 127 -0.22 -3.24 4.81
CA ASP A 127 -0.56 -2.19 3.88
C ASP A 127 -0.99 -2.90 2.62
N CYS A 128 -2.25 -3.34 2.63
CA CYS A 128 -2.74 -4.21 1.58
C CYS A 128 -2.79 -3.46 0.26
N PRO A 129 -2.20 -4.05 -0.78
CA PRO A 129 -2.20 -3.43 -2.11
C PRO A 129 -3.53 -3.59 -2.80
N ILE A 130 -4.31 -4.58 -2.38
CA ILE A 130 -5.63 -4.82 -2.94
C ILE A 130 -6.60 -3.79 -2.38
N ILE A 131 -6.59 -3.62 -1.06
CA ILE A 131 -7.45 -2.63 -0.43
C ILE A 131 -7.09 -1.23 -0.93
N ASP A 132 -5.80 -0.95 -1.00
CA ASP A 132 -5.33 0.33 -1.50
C ASP A 132 -5.81 0.53 -2.93
N ALA A 133 -5.73 -0.53 -3.72
CA ALA A 133 -6.15 -0.47 -5.12
C ALA A 133 -7.65 -0.18 -5.25
N LEU A 134 -8.45 -0.80 -4.37
CA LEU A 134 -9.89 -0.67 -4.43
C LEU A 134 -10.28 0.77 -4.08
N ASN A 135 -9.55 1.34 -3.12
CA ASN A 135 -9.79 2.73 -2.73
C ASN A 135 -9.39 3.68 -3.85
N ARG A 136 -8.31 3.33 -4.55
CA ARG A 136 -7.82 4.15 -5.64
C ARG A 136 -8.77 4.10 -6.84
N LEU A 137 -9.51 3.00 -6.96
CA LEU A 137 -10.48 2.85 -8.03
C LEU A 137 -11.85 3.38 -7.60
N ASN A 138 -11.90 4.02 -6.43
CA ASN A 138 -13.14 4.56 -5.91
C ASN A 138 -14.21 3.48 -5.80
N PHE A 139 -13.78 2.26 -5.47
CA PHE A 139 -14.69 1.12 -5.34
C PHE A 139 -15.24 1.02 -3.92
N ILE A 140 -14.42 1.40 -2.95
CA ILE A 140 -14.88 1.41 -1.55
C ILE A 140 -15.96 2.48 -1.39
N GLY A 141 -15.84 3.54 -2.19
CA GLY A 141 -16.83 4.60 -2.20
C GLY A 141 -18.20 4.08 -2.60
N VAL A 142 -18.27 3.46 -3.76
CA VAL A 142 -19.54 2.94 -4.26
C VAL A 142 -20.04 1.84 -3.35
N LEU A 143 -19.11 1.12 -2.73
CA LEU A 143 -19.45 0.04 -1.82
C LEU A 143 -20.24 0.55 -0.62
N VAL A 144 -19.73 1.62 -0.01
CA VAL A 144 -20.41 2.20 1.15
C VAL A 144 -21.73 2.86 0.75
N ASP A 145 -21.75 3.51 -0.41
CA ASP A 145 -22.96 4.15 -0.88
C ASP A 145 -24.09 3.15 -1.07
N SER A 146 -23.74 1.94 -1.50
CA SER A 146 -24.74 0.89 -1.66
C SER A 146 -25.53 0.62 -0.38
N LEU A 147 -24.97 0.98 0.76
CA LEU A 147 -25.62 0.69 2.04
C LEU A 147 -26.91 1.48 2.25
N LYS A 148 -27.08 2.57 1.49
CA LYS A 148 -28.26 3.40 1.64
C LYS A 148 -29.52 2.57 1.36
N GLU A 149 -29.44 1.66 0.39
CA GLU A 149 -30.58 0.82 0.04
C GLU A 149 -30.40 -0.62 0.51
N ILE A 150 -29.60 -0.83 1.54
CA ILE A 150 -29.29 -2.17 2.02
C ILE A 150 -30.51 -2.90 2.55
N LEU A 151 -31.37 -2.17 3.27
CA LEU A 151 -32.53 -2.78 3.91
C LEU A 151 -33.46 -3.39 2.87
N ASN A 152 -33.85 -2.56 1.88
CA ASN A 152 -34.70 -3.05 0.81
C ASN A 152 -34.00 -4.14 0.02
N GLU A 153 -32.69 -4.02 -0.10
CA GLU A 153 -31.87 -5.00 -0.80
C GLU A 153 -31.72 -6.30 0.01
N TRP A 154 -31.87 -6.20 1.32
CA TRP A 154 -31.66 -7.34 2.20
C TRP A 154 -32.92 -8.19 2.39
N LEU A 155 -34.08 -7.55 2.44
CA LEU A 155 -35.33 -8.27 2.68
C LEU A 155 -35.96 -8.82 1.40
N ALA A 156 -35.42 -8.43 0.25
CA ALA A 156 -35.92 -8.92 -1.04
C ALA A 156 -34.98 -9.96 -1.63
N PRO A 157 -35.53 -11.10 -2.09
CA PRO A 157 -34.70 -12.12 -2.73
C PRO A 157 -34.29 -11.74 -4.15
N ALA A 177 -36.04 -6.01 -10.67
CA ALA A 177 -34.92 -6.91 -10.40
C ALA A 177 -34.42 -6.71 -8.97
N SER A 178 -33.37 -7.44 -8.62
CA SER A 178 -32.80 -7.41 -7.27
C SER A 178 -31.57 -8.30 -7.20
N PRO A 179 -30.58 -7.90 -6.39
CA PRO A 179 -29.35 -8.71 -6.29
C PRO A 179 -29.53 -9.91 -5.37
N SER A 180 -28.68 -10.90 -5.55
CA SER A 180 -28.77 -12.16 -4.81
C SER A 180 -28.53 -11.96 -3.32
N GLN A 181 -29.01 -12.91 -2.52
CA GLN A 181 -28.76 -12.89 -1.08
C GLN A 181 -27.29 -13.22 -0.80
N GLN A 182 -26.73 -14.12 -1.60
CA GLN A 182 -25.32 -14.47 -1.47
C GLN A 182 -24.46 -13.27 -1.84
N TYR A 183 -24.97 -12.42 -2.72
CA TYR A 183 -24.25 -11.23 -3.14
C TYR A 183 -24.19 -10.20 -2.03
N THR A 184 -25.35 -9.83 -1.48
CA THR A 184 -25.40 -8.84 -0.42
C THR A 184 -24.57 -9.31 0.76
N SER A 185 -24.65 -10.60 1.06
CA SER A 185 -23.87 -11.17 2.14
C SER A 185 -22.37 -11.00 1.86
N ALA A 186 -21.97 -11.32 0.63
CA ALA A 186 -20.59 -11.17 0.23
C ALA A 186 -20.14 -9.72 0.35
N LYS A 187 -21.08 -8.79 0.15
CA LYS A 187 -20.77 -7.38 0.25
C LYS A 187 -20.51 -6.95 1.68
N LEU A 188 -21.36 -7.39 2.61
CA LEU A 188 -21.19 -7.07 4.02
C LEU A 188 -19.90 -7.69 4.56
N ALA A 189 -19.56 -8.87 4.04
CA ALA A 189 -18.34 -9.55 4.44
C ALA A 189 -17.13 -8.73 4.01
N LEU A 190 -17.13 -8.31 2.75
CA LEU A 190 -16.07 -7.49 2.21
C LEU A 190 -15.88 -6.24 3.07
N LEU A 191 -17.00 -5.62 3.43
CA LEU A 191 -16.97 -4.41 4.27
C LEU A 191 -16.31 -4.70 5.62
N LEU A 192 -16.71 -5.81 6.23
CA LEU A 192 -16.22 -6.17 7.55
C LEU A 192 -14.73 -6.45 7.53
N GLN A 193 -14.26 -7.00 6.41
CA GLN A 193 -12.86 -7.36 6.26
C GLN A 193 -12.01 -6.10 6.07
N LEU A 194 -12.54 -5.15 5.30
CA LEU A 194 -11.86 -3.88 5.08
C LEU A 194 -11.66 -3.12 6.38
N CYS A 195 -12.57 -3.31 7.33
CA CYS A 195 -12.56 -2.52 8.56
C CYS A 195 -11.69 -3.15 9.65
N GLN A 196 -11.29 -4.40 9.45
CA GLN A 196 -10.46 -5.09 10.44
C GLN A 196 -8.98 -4.74 10.26
N THR A 197 -8.71 -3.84 9.32
CA THR A 197 -7.37 -3.29 9.14
C THR A 197 -7.39 -1.79 9.39
N ARG A 198 -6.22 -1.17 9.48
CA ARG A 198 -6.12 0.25 9.76
C ARG A 198 -6.48 1.07 8.54
N GLN A 199 -5.77 0.84 7.45
CA GLN A 199 -5.97 1.61 6.22
C GLN A 199 -7.36 1.37 5.65
N GLY A 200 -7.85 0.14 5.76
CA GLY A 200 -9.15 -0.20 5.22
C GLY A 200 -10.27 0.49 5.97
N ALA A 201 -10.20 0.45 7.30
CA ALA A 201 -11.19 1.12 8.13
C ALA A 201 -11.19 2.61 7.82
N LYS A 202 -10.00 3.17 7.62
CA LYS A 202 -9.88 4.58 7.24
C LYS A 202 -10.63 4.87 5.95
N TYR A 203 -10.40 4.05 4.93
CA TYR A 203 -11.04 4.26 3.63
C TYR A 203 -12.56 4.17 3.72
N VAL A 204 -13.05 3.25 4.53
CA VAL A 204 -14.49 3.04 4.68
C VAL A 204 -15.15 4.22 5.38
N LEU A 205 -14.50 4.75 6.41
CA LEU A 205 -15.03 5.89 7.15
C LEU A 205 -14.84 7.19 6.36
N GLN A 206 -13.88 7.19 5.44
CA GLN A 206 -13.64 8.34 4.58
C GLN A 206 -14.68 8.39 3.47
N ALA A 207 -15.27 7.25 3.16
CA ALA A 207 -16.35 7.18 2.20
C ALA A 207 -17.70 7.41 2.88
N ASN A 208 -17.65 7.97 4.08
CA ASN A 208 -18.86 8.34 4.82
C ASN A 208 -19.74 7.14 5.13
N LEU A 209 -19.26 6.28 6.03
CA LEU A 209 -20.00 5.10 6.43
C LEU A 209 -21.21 5.48 7.26
N PHE A 210 -20.97 6.19 8.35
CA PHE A 210 -22.02 6.54 9.29
C PHE A 210 -23.16 7.28 8.59
N ARG A 211 -22.82 8.03 7.56
CA ARG A 211 -23.81 8.79 6.80
C ARG A 211 -24.76 7.82 6.09
N ALA A 212 -24.19 6.91 5.30
CA ALA A 212 -24.98 5.94 4.56
C ALA A 212 -25.82 5.08 5.48
N LEU A 213 -25.31 4.80 6.67
CA LEU A 213 -26.05 4.00 7.65
C LEU A 213 -27.24 4.78 8.19
N GLU A 214 -27.05 6.08 8.39
CA GLU A 214 -28.14 6.95 8.80
C GLU A 214 -29.19 7.06 7.70
N GLN A 215 -28.73 7.03 6.45
CA GLN A 215 -29.63 7.18 5.30
C GLN A 215 -30.36 5.87 5.00
N SER A 216 -29.77 4.75 5.39
CA SER A 216 -30.42 3.45 5.23
C SER A 216 -31.56 3.32 6.23
N GLY A 217 -31.46 4.03 7.34
CA GLY A 217 -32.47 4.00 8.37
C GLY A 217 -32.60 2.64 9.04
N VAL A 218 -31.60 1.78 8.83
CA VAL A 218 -31.65 0.42 9.35
C VAL A 218 -31.60 0.39 10.88
N PHE A 219 -30.95 1.40 11.46
CA PHE A 219 -30.82 1.46 12.92
C PHE A 219 -31.82 2.42 13.56
N ALA A 220 -32.13 3.51 12.87
CA ALA A 220 -33.04 4.52 13.40
C ALA A 220 -34.49 4.06 13.28
N ALA A 221 -34.80 2.97 13.97
CA ALA A 221 -36.13 2.38 13.97
C ALA A 221 -36.13 1.26 14.98
N ASP A 222 -37.27 0.57 15.10
CA ASP A 222 -37.33 -0.63 15.93
C ASP A 222 -37.68 -1.78 15.00
N PRO A 223 -37.11 -2.96 15.27
CA PRO A 223 -37.29 -4.12 14.38
C PRO A 223 -38.59 -4.88 14.62
N GLU A 224 -38.98 -5.00 15.89
CA GLU A 224 -40.16 -5.77 16.26
C GLU A 224 -41.44 -5.10 15.76
N LEU A 225 -41.35 -3.80 15.45
CA LEU A 225 -42.51 -3.06 14.95
C LEU A 225 -42.61 -3.18 13.43
N VAL A 226 -42.96 -4.38 12.96
CA VAL A 226 -43.15 -4.63 11.53
C VAL A 226 -44.38 -5.50 11.31
N VAL A 234 -45.24 -15.08 5.23
CA VAL A 234 -44.00 -15.46 5.90
C VAL A 234 -44.13 -15.29 7.42
N PRO A 235 -43.64 -16.28 8.19
CA PRO A 235 -43.73 -16.21 9.66
C PRO A 235 -43.08 -14.96 10.23
N ARG A 236 -43.38 -14.64 11.49
CA ARG A 236 -42.84 -13.45 12.14
C ARG A 236 -41.41 -13.70 12.64
N VAL A 237 -41.19 -14.84 13.27
CA VAL A 237 -39.90 -15.16 13.85
C VAL A 237 -38.80 -15.22 12.80
N VAL A 238 -39.17 -15.61 11.59
CA VAL A 238 -38.23 -15.65 10.49
C VAL A 238 -37.88 -14.22 10.04
N ALA A 239 -38.90 -13.35 10.05
CA ALA A 239 -38.71 -11.96 9.66
C ALA A 239 -37.77 -11.26 10.64
N LEU A 240 -37.89 -11.58 11.92
CA LEU A 240 -37.03 -10.98 12.93
C LEU A 240 -35.63 -11.57 12.96
N GLU A 241 -35.48 -12.85 12.67
CA GLU A 241 -34.15 -13.44 12.58
C GLU A 241 -33.40 -12.76 11.44
N ARG A 242 -34.10 -12.56 10.33
CA ARG A 242 -33.51 -11.93 9.15
C ARG A 242 -33.07 -10.50 9.43
N HIS A 243 -33.99 -9.70 9.94
CA HIS A 243 -33.70 -8.29 10.20
C HIS A 243 -32.55 -8.14 11.18
N TYR A 244 -32.66 -8.80 12.33
CA TYR A 244 -31.61 -8.75 13.34
C TYR A 244 -30.28 -9.27 12.79
N ALA A 245 -30.34 -10.20 11.83
CA ALA A 245 -29.13 -10.67 11.18
C ALA A 245 -28.43 -9.51 10.50
N LEU A 246 -29.17 -8.76 9.70
CA LEU A 246 -28.61 -7.57 9.05
C LEU A 246 -28.02 -6.62 10.09
N LEU A 247 -28.76 -6.39 11.17
CA LEU A 247 -28.30 -5.49 12.23
C LEU A 247 -26.99 -5.96 12.82
N VAL A 248 -26.79 -7.27 12.94
CA VAL A 248 -25.56 -7.81 13.50
C VAL A 248 -24.41 -7.49 12.56
N ALA A 249 -24.57 -7.81 11.28
CA ALA A 249 -23.54 -7.55 10.29
C ALA A 249 -23.07 -6.09 10.34
N LEU A 250 -23.98 -5.16 10.10
CA LEU A 250 -23.64 -3.75 10.06
C LEU A 250 -23.07 -3.26 11.39
N ALA A 251 -23.61 -3.79 12.49
CA ALA A 251 -23.14 -3.42 13.82
C ALA A 251 -21.70 -3.85 14.00
N ARG A 252 -21.32 -4.95 13.37
CA ARG A 252 -19.96 -5.45 13.43
C ARG A 252 -19.03 -4.58 12.58
N VAL A 253 -19.55 -4.13 11.44
CA VAL A 253 -18.77 -3.24 10.57
C VAL A 253 -18.48 -1.90 11.26
N VAL A 254 -19.44 -1.39 12.01
CA VAL A 254 -19.28 -0.13 12.72
C VAL A 254 -18.29 -0.29 13.86
N GLY A 255 -18.46 -1.33 14.66
CA GLY A 255 -17.56 -1.60 15.76
C GLY A 255 -16.14 -1.82 15.27
N ALA A 256 -16.01 -2.47 14.13
CA ALA A 256 -14.69 -2.80 13.58
C ALA A 256 -14.00 -1.54 13.10
N ALA A 257 -14.75 -0.67 12.43
CA ALA A 257 -14.20 0.58 11.91
C ALA A 257 -13.78 1.49 13.06
N VAL A 258 -14.54 1.48 14.15
CA VAL A 258 -14.24 2.35 15.29
C VAL A 258 -13.01 1.89 16.08
N THR A 259 -12.92 0.59 16.35
CA THR A 259 -11.80 0.06 17.12
C THR A 259 -10.51 0.06 16.34
N ALA A 260 -10.62 -0.10 15.03
CA ALA A 260 -9.45 -0.29 14.17
C ALA A 260 -8.75 1.01 13.77
N ARG A 261 -8.99 2.10 14.49
CA ARG A 261 -8.39 3.38 14.08
C ARG A 261 -7.56 4.06 15.17
N GLY A 262 -8.19 4.47 16.28
CA GLY A 262 -7.51 5.30 17.26
C GLY A 262 -8.47 6.08 18.14
N ALA A 263 -8.31 7.41 18.15
CA ALA A 263 -9.18 8.28 18.93
C ALA A 263 -10.07 9.13 18.04
N HIS A 264 -9.68 9.27 16.78
CA HIS A 264 -10.37 10.15 15.84
C HIS A 264 -11.85 9.83 15.74
N ASN A 265 -12.16 8.55 15.62
CA ASN A 265 -13.52 8.10 15.36
C ASN A 265 -14.33 7.75 16.61
N ILE A 266 -13.71 7.87 17.78
CA ILE A 266 -14.42 7.66 19.04
C ILE A 266 -15.64 8.55 19.07
N VAL A 267 -15.49 9.78 18.59
CA VAL A 267 -16.59 10.72 18.52
C VAL A 267 -17.69 10.19 17.60
N GLN A 268 -17.29 9.66 16.45
CA GLN A 268 -18.25 9.19 15.45
C GLN A 268 -19.09 8.01 15.95
N GLY A 269 -18.42 7.02 16.53
CA GLY A 269 -19.10 5.85 17.05
C GLY A 269 -19.97 6.21 18.24
N ARG A 270 -19.47 7.14 19.04
CA ARG A 270 -20.19 7.64 20.19
C ARG A 270 -21.52 8.21 19.73
N LYS A 271 -21.48 9.05 18.71
CA LYS A 271 -22.68 9.66 18.16
C LYS A 271 -23.58 8.61 17.55
N PHE A 272 -22.99 7.55 17.00
CA PHE A 272 -23.78 6.45 16.47
C PHE A 272 -24.62 5.79 17.56
N LEU A 273 -24.03 5.60 18.74
CA LEU A 273 -24.74 4.96 19.85
C LEU A 273 -25.84 5.86 20.41
N THR A 274 -25.49 7.12 20.69
CA THR A 274 -26.44 8.06 21.25
C THR A 274 -27.67 8.20 20.35
N GLN A 275 -27.40 8.47 19.08
CA GLN A 275 -28.46 8.70 18.10
C GLN A 275 -29.33 7.47 17.90
N HIS A 276 -28.74 6.29 18.07
CA HIS A 276 -29.48 5.04 17.93
C HIS A 276 -29.69 4.37 19.28
N ARG A 277 -29.53 5.13 20.35
CA ARG A 277 -29.81 4.62 21.67
C ARG A 277 -31.25 4.17 21.72
N GLY A 278 -31.63 3.44 22.76
CA GLY A 278 -32.98 2.95 22.88
C GLY A 278 -33.07 1.61 22.18
N LEU A 279 -32.47 1.53 20.99
CA LEU A 279 -32.34 0.25 20.31
C LEU A 279 -31.27 -0.58 21.02
N VAL A 280 -30.19 0.07 21.40
CA VAL A 280 -29.10 -0.61 22.12
C VAL A 280 -29.60 -1.07 23.47
N VAL A 281 -30.50 -0.30 24.08
CA VAL A 281 -31.02 -0.64 25.39
C VAL A 281 -32.14 -1.67 25.26
N HIS A 282 -32.91 -1.57 24.20
CA HIS A 282 -33.98 -2.54 23.94
C HIS A 282 -33.38 -3.90 23.64
N VAL A 283 -32.20 -3.91 23.02
CA VAL A 283 -31.52 -5.14 22.66
C VAL A 283 -30.80 -5.72 23.88
N LEU A 284 -30.21 -4.84 24.68
CA LEU A 284 -29.52 -5.27 25.90
C LEU A 284 -30.49 -5.79 26.97
N LYS A 285 -31.74 -5.34 26.92
CA LYS A 285 -32.75 -5.68 27.93
C LYS A 285 -33.52 -6.96 27.59
N LYS A 286 -33.29 -8.03 28.34
CA LYS A 286 -34.00 -9.27 28.08
C LYS A 286 -34.06 -10.16 29.32
N THR A 312 -44.97 -26.47 14.45
CA THR A 312 -45.03 -26.39 15.92
C THR A 312 -43.71 -26.69 16.62
N ARG A 313 -43.07 -27.79 16.28
CA ARG A 313 -41.91 -28.26 17.04
C ARG A 313 -40.73 -28.66 16.17
N ARG A 314 -40.75 -28.26 14.90
CA ARG A 314 -39.67 -28.59 13.99
C ARG A 314 -38.89 -27.36 13.52
N ASP A 315 -39.61 -26.36 13.01
CA ASP A 315 -38.96 -25.15 12.51
C ASP A 315 -39.10 -23.93 13.44
N GLU A 316 -40.18 -23.87 14.21
CA GLU A 316 -40.42 -22.70 15.06
C GLU A 316 -39.62 -22.76 16.36
N ILE A 317 -39.26 -23.96 16.79
CA ILE A 317 -38.44 -24.11 17.99
C ILE A 317 -37.01 -23.70 17.62
N LEU A 318 -36.56 -24.10 16.43
CA LEU A 318 -35.26 -23.68 15.91
C LEU A 318 -35.30 -22.21 15.50
N ALA A 319 -36.45 -21.77 15.00
CA ALA A 319 -36.60 -20.37 14.56
C ALA A 319 -36.42 -19.43 15.74
N GLN A 320 -37.01 -19.78 16.88
CA GLN A 320 -36.84 -18.98 18.09
C GLN A 320 -35.39 -19.08 18.54
N GLN A 321 -34.88 -20.30 18.61
CA GLN A 321 -33.50 -20.53 19.05
C GLN A 321 -32.54 -19.65 18.26
N ALA A 322 -32.84 -19.45 16.98
CA ALA A 322 -31.98 -18.66 16.10
C ALA A 322 -32.17 -17.18 16.36
N LEU A 323 -33.42 -16.76 16.52
CA LEU A 323 -33.75 -15.35 16.74
C LEU A 323 -33.04 -14.78 17.95
N GLU A 324 -33.19 -15.43 19.10
CA GLU A 324 -32.56 -14.93 20.33
C GLU A 324 -31.05 -15.02 20.26
N GLU A 325 -30.55 -15.85 19.34
CA GLU A 325 -29.11 -16.01 19.16
C GLU A 325 -28.56 -14.84 18.36
N ARG A 326 -29.35 -14.37 17.39
CA ARG A 326 -28.98 -13.19 16.60
C ARG A 326 -29.11 -11.94 17.44
N ILE A 327 -30.07 -11.94 18.36
CA ILE A 327 -30.26 -10.82 19.27
C ILE A 327 -29.14 -10.78 20.29
N GLU A 328 -28.65 -11.95 20.69
CA GLU A 328 -27.52 -12.04 21.59
C GLU A 328 -26.26 -11.53 20.91
N GLU A 329 -26.07 -11.92 19.65
CA GLU A 329 -24.92 -11.46 18.88
C GLU A 329 -24.91 -9.95 18.76
N LEU A 330 -26.08 -9.38 18.44
CA LEU A 330 -26.22 -7.93 18.30
C LEU A 330 -25.90 -7.23 19.61
N ALA A 331 -26.36 -7.81 20.72
CA ALA A 331 -26.09 -7.24 22.04
C ALA A 331 -24.59 -7.22 22.30
N GLU A 332 -23.90 -8.27 21.88
CA GLU A 332 -22.45 -8.33 22.04
C GLU A 332 -21.78 -7.21 21.24
N ALA A 333 -22.20 -7.04 19.99
CA ALA A 333 -21.62 -6.03 19.12
C ALA A 333 -21.75 -4.64 19.73
N PHE A 334 -22.93 -4.35 20.27
CA PHE A 334 -23.18 -3.05 20.90
C PHE A 334 -22.29 -2.87 22.13
N LEU A 336 -19.43 -4.15 22.56
CA LEU A 336 -18.07 -3.98 22.08
C LEU A 336 -17.87 -2.56 21.58
N LEU A 337 -18.93 -2.00 20.99
CA LEU A 337 -18.88 -0.63 20.48
C LEU A 337 -19.02 0.37 21.63
N ILE A 338 -19.57 -0.10 22.75
CA ILE A 338 -19.72 0.73 23.95
C ILE A 338 -18.39 0.87 24.70
N THR A 339 -17.76 -0.26 25.01
CA THR A 339 -16.51 -0.26 25.75
C THR A 339 -15.38 0.35 24.91
N ALA A 340 -15.54 0.25 23.59
CA ALA A 340 -14.54 0.74 22.65
C ALA A 340 -14.69 2.21 22.30
N THR A 341 -15.39 2.98 23.14
CA THR A 341 -15.60 4.39 22.83
C THR A 341 -14.99 5.36 23.86
N GLY A 342 -15.48 5.41 25.11
CA GLY A 342 -16.50 4.52 25.62
C GLY A 342 -17.75 5.28 26.00
N PHE A 343 -18.89 4.78 25.54
CA PHE A 343 -20.20 5.40 25.79
C PHE A 343 -20.51 5.74 27.25
N LEU A 344 -20.22 4.83 28.17
CA LEU A 344 -20.55 5.05 29.58
C LEU A 344 -19.81 6.26 30.18
N GLU A 345 -18.52 6.36 29.90
CA GLU A 345 -17.69 7.46 30.37
C GLU A 345 -18.36 8.77 29.89
N TYR A 346 -18.83 8.76 28.64
CA TYR A 346 -19.55 9.91 28.08
C TYR A 346 -20.81 10.20 28.89
N GLU A 347 -21.60 9.15 29.12
CA GLU A 347 -22.91 9.29 29.80
C GLU A 347 -22.69 9.88 31.18
N SER A 348 -21.43 9.87 31.60
CA SER A 348 -21.00 10.58 32.79
C SER A 348 -21.53 9.91 34.05
N GLY B 5 -0.78 20.02 -22.71
CA GLY B 5 -0.45 19.22 -21.55
C GLY B 5 -1.29 17.96 -21.49
N ASP B 6 -2.35 17.92 -22.30
CA ASP B 6 -3.25 16.77 -22.36
C ASP B 6 -3.03 15.97 -23.64
N LYS B 7 -2.36 16.59 -24.61
CA LYS B 7 -2.03 15.89 -25.85
C LYS B 7 -0.81 14.99 -25.66
N LEU B 8 0.01 15.31 -24.66
CA LEU B 8 1.17 14.48 -24.34
C LEU B 8 0.78 13.32 -23.42
N PHE B 9 -0.42 13.37 -22.85
CA PHE B 9 -0.86 12.31 -21.95
C PHE B 9 -1.01 10.99 -22.68
N GLN B 10 -1.62 11.02 -23.86
CA GLN B 10 -1.81 9.79 -24.63
C GLN B 10 -0.46 9.24 -25.09
N LEU B 11 0.53 10.12 -25.19
CA LEU B 11 1.90 9.67 -25.47
C LEU B 11 2.46 8.94 -24.25
N PHE B 12 2.28 9.54 -23.08
CA PHE B 12 2.69 8.92 -21.82
C PHE B 12 2.07 7.54 -21.68
N GLN B 13 0.82 7.41 -22.10
CA GLN B 13 0.10 6.15 -22.00
C GLN B 13 0.69 5.13 -22.96
N LEU B 14 0.93 5.55 -24.20
CA LEU B 14 1.53 4.68 -25.20
C LEU B 14 2.90 4.18 -24.72
N CYS B 15 3.64 5.04 -24.03
CA CYS B 15 4.95 4.66 -23.54
C CYS B 15 4.80 3.54 -22.53
N LEU B 16 3.95 3.75 -21.53
CA LEU B 16 3.74 2.73 -20.50
C LEU B 16 3.32 1.39 -21.08
N SER B 17 2.43 1.41 -22.06
CA SER B 17 1.98 0.18 -22.72
C SER B 17 3.16 -0.55 -23.34
N ALA B 18 3.87 0.15 -24.21
CA ALA B 18 5.02 -0.40 -24.92
C ALA B 18 5.98 -1.06 -23.94
N ILE B 19 6.31 -0.36 -22.86
CA ILE B 19 7.23 -0.88 -21.86
C ILE B 19 6.73 -2.23 -21.35
N SER B 20 5.51 -2.24 -20.82
CA SER B 20 4.92 -3.46 -20.27
C SER B 20 5.09 -4.64 -21.24
N GLN B 21 4.84 -4.42 -22.52
CA GLN B 21 5.01 -5.49 -23.50
C GLN B 21 6.43 -6.03 -23.49
N CYS B 22 7.39 -5.13 -23.29
CA CYS B 22 8.81 -5.49 -23.20
C CYS B 22 9.38 -5.96 -24.53
N SER B 23 8.64 -5.77 -25.61
CA SER B 23 9.17 -6.03 -26.94
C SER B 23 9.86 -4.79 -27.47
N GLY B 24 11.15 -4.91 -27.77
CA GLY B 24 11.92 -3.80 -28.27
C GLY B 24 13.35 -3.83 -27.79
N THR B 25 14.22 -3.19 -28.56
CA THR B 25 15.63 -3.07 -28.21
C THR B 25 15.78 -2.19 -26.98
N PRO B 26 16.79 -2.49 -26.15
CA PRO B 26 16.99 -1.71 -24.92
C PRO B 26 17.04 -0.22 -25.25
N GLU B 27 17.57 0.10 -26.43
CA GLU B 27 17.64 1.49 -26.87
C GLU B 27 16.23 2.11 -26.94
N LEU B 28 15.28 1.32 -27.42
CA LEU B 28 13.90 1.80 -27.57
C LEU B 28 13.19 2.00 -26.23
N ARG B 29 13.51 1.14 -25.27
CA ARG B 29 12.95 1.28 -23.93
C ARG B 29 13.62 2.45 -23.23
N SER B 30 14.83 2.77 -23.64
CA SER B 30 15.52 3.93 -23.11
C SER B 30 14.80 5.19 -23.60
N LEU B 31 14.36 5.15 -24.85
CA LEU B 31 13.59 6.26 -25.42
C LEU B 31 12.28 6.43 -24.66
N TYR B 32 11.58 5.32 -24.43
CA TYR B 32 10.34 5.35 -23.66
C TYR B 32 10.58 5.94 -22.28
N TYR B 33 11.71 5.57 -21.67
CA TYR B 33 12.03 6.04 -20.33
C TYR B 33 12.28 7.54 -20.32
N SER B 34 12.92 8.04 -21.37
CA SER B 34 13.22 9.47 -21.47
C SER B 34 11.93 10.28 -21.59
N ILE B 35 11.04 9.83 -22.46
CA ILE B 35 9.76 10.50 -22.66
C ILE B 35 8.96 10.53 -21.37
N CYS B 36 8.93 9.40 -20.66
CA CYS B 36 8.18 9.29 -19.42
C CYS B 36 8.80 10.15 -18.32
N TYR B 37 10.11 10.28 -18.34
CA TYR B 37 10.79 11.11 -17.34
C TYR B 37 10.38 12.55 -17.53
N ARG B 38 10.39 13.00 -18.77
CA ARG B 38 10.06 14.38 -19.08
C ARG B 38 8.60 14.70 -18.85
N TYR B 39 7.73 13.72 -19.07
CA TYR B 39 6.32 13.93 -18.84
C TYR B 39 6.03 14.06 -17.34
N LEU B 40 6.73 13.27 -16.53
CA LEU B 40 6.54 13.33 -15.08
C LEU B 40 7.21 14.56 -14.47
N THR B 41 8.09 15.20 -15.24
CA THR B 41 8.80 16.39 -14.77
C THR B 41 8.25 17.67 -15.40
N ALA B 42 7.43 17.51 -16.44
CA ALA B 42 6.80 18.66 -17.08
C ALA B 42 5.43 18.95 -16.48
N VAL B 43 5.00 18.14 -15.52
CA VAL B 43 3.74 18.37 -14.84
C VAL B 43 3.98 19.06 -13.50
N VAL B 44 5.02 18.62 -12.80
CA VAL B 44 5.37 19.19 -11.50
C VAL B 44 6.20 20.45 -11.68
N SER B 64 -8.44 20.43 -11.00
CA SER B 64 -7.36 20.93 -10.16
C SER B 64 -6.03 20.36 -10.58
N VAL B 65 -4.97 20.68 -9.84
CA VAL B 65 -3.64 20.15 -10.10
C VAL B 65 -3.55 18.72 -9.57
N THR B 66 -4.29 18.46 -8.50
CA THR B 66 -4.33 17.13 -7.90
C THR B 66 -5.14 16.18 -8.78
N ASN B 67 -6.11 16.74 -9.50
CA ASN B 67 -6.92 15.95 -10.41
C ASN B 67 -6.06 15.40 -11.56
N ALA B 68 -5.04 16.17 -11.92
CA ALA B 68 -4.10 15.76 -12.96
C ALA B 68 -3.09 14.75 -12.43
N ARG B 69 -2.46 15.07 -11.31
CA ARG B 69 -1.51 14.15 -10.69
C ARG B 69 -2.16 12.81 -10.36
N ALA B 70 -3.47 12.83 -10.14
CA ALA B 70 -4.21 11.60 -9.84
C ALA B 70 -4.36 10.77 -11.10
N ARG B 71 -4.67 11.41 -12.22
CA ARG B 71 -4.77 10.74 -13.50
C ARG B 71 -3.43 10.12 -13.89
N THR B 72 -2.34 10.81 -13.56
CA THR B 72 -1.01 10.35 -13.90
C THR B 72 -0.71 9.08 -13.11
N LEU B 73 -0.86 9.16 -11.80
CA LEU B 73 -0.67 7.99 -10.94
C LEU B 73 -1.53 6.82 -11.44
N LYS B 74 -2.74 7.13 -11.92
CA LYS B 74 -3.63 6.09 -12.44
C LYS B 74 -3.01 5.37 -13.63
N ALA B 75 -2.42 6.12 -14.55
CA ALA B 75 -1.81 5.53 -15.73
C ALA B 75 -0.68 4.57 -15.35
N ILE B 76 0.10 4.91 -14.34
CA ILE B 76 1.22 4.06 -13.92
C ILE B 76 0.75 2.78 -13.25
N THR B 77 -0.14 2.93 -12.27
CA THR B 77 -0.60 1.81 -11.45
C THR B 77 -1.50 0.87 -12.23
N LEU B 78 -1.91 1.27 -13.42
CA LEU B 78 -2.79 0.45 -14.25
C LEU B 78 -2.12 -0.88 -14.62
N TYR B 79 -0.85 -0.80 -15.00
CA TYR B 79 -0.12 -1.98 -15.47
C TYR B 79 0.46 -2.80 -14.33
N GLY B 80 0.52 -2.20 -13.14
CA GLY B 80 0.94 -2.93 -11.95
C GLY B 80 2.40 -3.31 -11.98
N ASP B 81 2.74 -4.40 -11.28
CA ASP B 81 4.11 -4.86 -11.18
C ASP B 81 4.70 -5.21 -12.54
N ARG B 82 3.85 -5.65 -13.46
CA ARG B 82 4.30 -6.00 -14.80
C ARG B 82 5.09 -4.85 -15.43
N LEU B 83 4.76 -3.62 -15.04
CA LEU B 83 5.44 -2.44 -15.55
C LEU B 83 6.72 -2.18 -14.76
N LEU B 84 6.61 -2.24 -13.44
CA LEU B 84 7.75 -1.95 -12.57
C LEU B 84 8.87 -2.97 -12.79
N ASN B 85 8.51 -4.16 -13.25
CA ASN B 85 9.52 -5.18 -13.55
C ASN B 85 10.44 -4.73 -14.67
N VAL B 86 9.88 -4.54 -15.86
CA VAL B 86 10.65 -4.18 -17.04
C VAL B 86 11.56 -2.99 -16.77
N ILE B 87 11.06 -2.03 -15.99
CA ILE B 87 11.83 -0.83 -15.70
C ILE B 87 12.94 -1.14 -14.70
N CYS B 88 12.69 -2.09 -13.80
CA CYS B 88 13.67 -2.40 -12.76
C CYS B 88 14.84 -3.21 -13.30
N ASP B 89 14.55 -4.28 -14.04
CA ASP B 89 15.62 -5.16 -14.51
C ASP B 89 16.37 -4.55 -15.69
N ASP B 90 15.90 -3.40 -16.18
CA ASP B 90 16.69 -2.59 -17.11
C ASP B 90 17.65 -1.74 -16.30
N ALA B 91 17.24 -1.37 -15.10
CA ALA B 91 18.08 -0.58 -14.21
C ALA B 91 19.27 -1.42 -13.75
N TYR B 92 19.12 -2.74 -13.89
CA TYR B 92 20.19 -3.67 -13.58
C TYR B 92 20.38 -4.66 -14.72
N GLY B 93 20.85 -4.15 -15.85
CA GLY B 93 21.11 -4.97 -17.02
C GLY B 93 22.45 -4.60 -17.65
N SER B 94 22.74 -5.20 -18.80
CA SER B 94 23.99 -4.94 -19.49
C SER B 94 24.05 -3.51 -20.00
N ASP B 95 23.14 -3.16 -20.89
CA ASP B 95 23.13 -1.84 -21.51
C ASP B 95 23.17 -0.74 -20.46
N THR B 96 24.16 0.14 -20.58
CA THR B 96 24.34 1.23 -19.63
C THR B 96 23.44 2.43 -19.95
N THR B 97 23.39 2.78 -21.24
CA THR B 97 22.58 3.91 -21.68
C THR B 97 21.11 3.68 -21.34
N CYS B 98 20.73 2.41 -21.20
CA CYS B 98 19.36 2.06 -20.86
C CYS B 98 19.15 2.09 -19.34
N GLN B 99 20.09 1.52 -18.60
CA GLN B 99 19.94 1.42 -17.15
C GLN B 99 19.94 2.80 -16.50
N THR B 100 20.58 3.77 -17.15
CA THR B 100 20.57 5.14 -16.62
C THR B 100 19.17 5.73 -16.76
N ALA B 101 18.59 5.63 -17.95
CA ALA B 101 17.24 6.14 -18.19
C ALA B 101 16.24 5.47 -17.26
N ALA B 102 16.45 4.19 -16.99
CA ALA B 102 15.53 3.42 -16.16
C ALA B 102 15.62 3.85 -14.69
N ILE B 104 16.58 6.70 -13.57
CA ILE B 104 16.02 8.05 -13.47
C ILE B 104 14.49 8.00 -13.47
N LEU B 105 13.92 7.16 -14.33
CA LEU B 105 12.47 7.03 -14.41
C LEU B 105 11.89 6.57 -13.08
N LEU B 106 12.50 5.57 -12.48
CA LEU B 106 12.06 5.08 -11.18
C LEU B 106 12.09 6.21 -10.16
N ASN B 107 13.22 6.91 -10.10
CA ASN B 107 13.35 8.04 -9.19
C ASN B 107 12.22 9.04 -9.40
N ALA B 108 11.80 9.22 -10.64
CA ALA B 108 10.72 10.14 -10.97
C ALA B 108 9.35 9.56 -10.62
N LEU B 109 9.24 8.24 -10.67
CA LEU B 109 7.97 7.58 -10.43
C LEU B 109 7.62 7.62 -8.94
N VAL B 110 8.63 7.50 -8.08
CA VAL B 110 8.40 7.58 -6.64
C VAL B 110 8.32 9.04 -6.19
N HIS B 111 8.55 9.97 -7.09
CA HIS B 111 8.43 11.39 -6.78
C HIS B 111 7.02 11.89 -7.06
N THR B 112 6.50 11.54 -8.23
CA THR B 112 5.13 11.93 -8.59
C THR B 112 4.11 11.16 -7.75
N SER B 113 4.56 10.08 -7.11
CA SER B 113 3.67 9.27 -6.29
C SER B 113 3.50 9.85 -4.90
N ARG B 114 4.53 10.52 -4.39
CA ARG B 114 4.43 11.22 -3.12
C ARG B 114 3.85 12.62 -3.34
N ALA B 115 4.11 13.17 -4.52
CA ALA B 115 3.54 14.47 -4.90
C ALA B 115 2.03 14.36 -4.98
N SER B 116 1.53 13.14 -5.13
CA SER B 116 0.10 12.89 -5.12
C SER B 116 -0.39 12.83 -3.67
N SER B 117 0.35 12.08 -2.84
CA SER B 117 0.02 11.95 -1.43
C SER B 117 1.24 11.49 -0.64
N ASP B 125 3.58 10.93 4.51
CA ASP B 125 3.19 10.30 5.76
C ASP B 125 2.44 9.01 5.51
N VAL B 126 1.87 8.88 4.33
CA VAL B 126 1.09 7.71 3.99
C VAL B 126 1.75 6.94 2.85
N ASP B 127 1.37 5.68 2.72
CA ASP B 127 2.10 4.75 1.88
C ASP B 127 1.89 4.95 0.41
N CYS B 128 2.90 4.53 -0.34
CA CYS B 128 2.95 4.74 -1.77
C CYS B 128 2.87 3.42 -2.44
N PRO B 129 2.04 3.32 -3.46
CA PRO B 129 1.83 2.05 -4.14
C PRO B 129 3.06 1.63 -4.95
N ILE B 130 3.90 2.59 -5.30
CA ILE B 130 5.12 2.33 -6.05
C ILE B 130 6.20 1.73 -5.16
N ILE B 131 6.43 2.34 -4.00
CA ILE B 131 7.42 1.83 -3.06
C ILE B 131 7.06 0.41 -2.62
N ASP B 132 5.78 0.17 -2.35
CA ASP B 132 5.32 -1.16 -1.98
C ASP B 132 5.65 -2.15 -3.09
N ALA B 133 5.45 -1.73 -4.33
CA ALA B 133 5.71 -2.58 -5.49
C ALA B 133 7.20 -2.91 -5.59
N LEU B 134 8.04 -1.92 -5.33
CA LEU B 134 9.48 -2.08 -5.46
C LEU B 134 9.99 -3.06 -4.40
N ASN B 135 9.42 -2.97 -3.21
CA ASN B 135 9.76 -3.87 -2.12
C ASN B 135 9.27 -5.28 -2.40
N ARG B 136 8.09 -5.38 -3.02
CA ARG B 136 7.50 -6.66 -3.35
C ARG B 136 8.27 -7.37 -4.45
N LEU B 137 8.93 -6.59 -5.29
CA LEU B 137 9.75 -7.16 -6.37
C LEU B 137 11.19 -7.37 -5.91
N ASN B 138 11.44 -7.15 -4.62
CA ASN B 138 12.78 -7.27 -4.05
C ASN B 138 13.77 -6.36 -4.76
N PHE B 139 13.32 -5.19 -5.18
CA PHE B 139 14.17 -4.24 -5.86
C PHE B 139 14.90 -3.34 -4.87
N ILE B 140 14.24 -3.05 -3.75
CA ILE B 140 14.88 -2.28 -2.69
C ILE B 140 16.00 -3.12 -2.09
N GLY B 141 15.82 -4.43 -2.11
CA GLY B 141 16.82 -5.36 -1.64
C GLY B 141 18.10 -5.25 -2.45
N VAL B 142 17.99 -5.42 -3.77
CA VAL B 142 19.16 -5.36 -4.64
C VAL B 142 19.75 -3.96 -4.65
N LEU B 143 18.89 -2.97 -4.46
CA LEU B 143 19.32 -1.57 -4.46
C LEU B 143 20.29 -1.33 -3.30
N VAL B 144 19.91 -1.80 -2.11
CA VAL B 144 20.75 -1.65 -0.94
C VAL B 144 22.02 -2.49 -1.07
N ASP B 145 21.88 -3.68 -1.63
CA ASP B 145 23.02 -4.58 -1.82
C ASP B 145 24.08 -3.95 -2.72
N SER B 146 23.63 -3.19 -3.72
CA SER B 146 24.55 -2.50 -4.62
C SER B 146 25.52 -1.59 -3.88
N LEU B 147 25.16 -1.22 -2.65
CA LEU B 147 25.98 -0.29 -1.87
C LEU B 147 27.33 -0.88 -1.48
N LYS B 148 27.46 -2.20 -1.59
CA LYS B 148 28.70 -2.87 -1.21
C LYS B 148 29.89 -2.35 -2.02
N GLU B 149 29.69 -2.12 -3.31
CA GLU B 149 30.74 -1.61 -4.19
C GLU B 149 30.51 -0.17 -4.60
N ILE B 150 29.80 0.59 -3.77
CA ILE B 150 29.46 1.96 -4.11
C ILE B 150 30.70 2.83 -4.21
N LEU B 151 31.67 2.61 -3.32
CA LEU B 151 32.86 3.44 -3.26
C LEU B 151 33.63 3.37 -4.58
N ASN B 152 33.98 2.16 -4.99
CA ASN B 152 34.68 1.96 -6.24
C ASN B 152 33.83 2.36 -7.44
N GLU B 153 32.52 2.17 -7.32
CA GLU B 153 31.58 2.53 -8.37
C GLU B 153 31.42 4.05 -8.48
N TRP B 154 31.74 4.75 -7.41
CA TRP B 154 31.58 6.21 -7.35
C TRP B 154 32.80 6.93 -7.89
N LEU B 155 33.98 6.37 -7.66
CA LEU B 155 35.23 6.99 -8.05
C LEU B 155 35.64 6.69 -9.49
N ALA B 156 34.87 5.85 -10.17
CA ALA B 156 35.17 5.48 -11.55
C ALA B 156 34.30 6.27 -12.51
N ALA B 177 30.28 -3.32 -18.12
CA ALA B 177 31.37 -2.40 -17.82
C ALA B 177 30.97 -1.41 -16.73
N SER B 178 31.87 -0.49 -16.40
CA SER B 178 31.61 0.49 -15.36
C SER B 178 30.32 1.26 -15.63
N PRO B 179 29.53 1.53 -14.58
CA PRO B 179 28.28 2.28 -14.76
C PRO B 179 28.47 3.80 -14.79
N SER B 180 27.50 4.50 -15.36
CA SER B 180 27.57 5.94 -15.53
C SER B 180 27.54 6.64 -14.18
N GLN B 181 28.06 7.86 -14.13
CA GLN B 181 28.02 8.67 -12.91
C GLN B 181 26.59 9.15 -12.63
N GLN B 182 25.87 9.48 -13.70
CA GLN B 182 24.49 9.91 -13.58
C GLN B 182 23.63 8.80 -13.00
N TYR B 183 24.04 7.56 -13.27
CA TYR B 183 23.32 6.39 -12.78
C TYR B 183 23.47 6.26 -11.27
N THR B 184 24.71 6.24 -10.79
CA THR B 184 24.97 6.10 -9.37
C THR B 184 24.30 7.24 -8.60
N SER B 185 24.35 8.43 -9.16
CA SER B 185 23.72 9.59 -8.53
C SER B 185 22.21 9.38 -8.42
N ALA B 186 21.60 8.94 -9.51
CA ALA B 186 20.17 8.69 -9.53
C ALA B 186 19.80 7.61 -8.52
N LYS B 187 20.73 6.68 -8.29
CA LYS B 187 20.51 5.57 -7.37
C LYS B 187 20.52 6.04 -5.91
N LEU B 188 21.49 6.87 -5.54
CA LEU B 188 21.56 7.40 -4.19
C LEU B 188 20.33 8.29 -3.94
N ALA B 189 19.88 8.97 -4.98
CA ALA B 189 18.70 9.82 -4.88
C ALA B 189 17.48 8.98 -4.57
N LEU B 190 17.29 7.90 -5.32
CA LEU B 190 16.18 7.00 -5.12
C LEU B 190 16.18 6.49 -3.68
N LEU B 191 17.35 6.11 -3.18
CA LEU B 191 17.49 5.63 -1.80
C LEU B 191 17.05 6.69 -0.81
N LEU B 192 17.49 7.92 -1.03
CA LEU B 192 17.21 9.02 -0.12
C LEU B 192 15.72 9.31 -0.08
N GLN B 193 15.06 9.12 -1.21
CA GLN B 193 13.63 9.38 -1.32
C GLN B 193 12.84 8.30 -0.59
N LEU B 194 13.28 7.05 -0.74
CA LEU B 194 12.63 5.93 -0.07
C LEU B 194 12.66 6.10 1.44
N CYS B 195 13.72 6.73 1.95
CA CYS B 195 13.92 6.83 3.40
C CYS B 195 13.21 8.04 4.00
N GLN B 196 12.77 8.96 3.16
CA GLN B 196 12.07 10.15 3.64
C GLN B 196 10.59 9.85 3.87
N THR B 197 10.22 8.58 3.68
CA THR B 197 8.88 8.12 4.01
C THR B 197 9.00 7.07 5.12
N ARG B 198 7.88 6.70 5.72
CA ARG B 198 7.88 5.76 6.83
C ARG B 198 8.06 4.34 6.32
N GLN B 199 7.17 3.91 5.43
CA GLN B 199 7.21 2.55 4.90
C GLN B 199 8.47 2.29 4.11
N GLY B 200 8.93 3.30 3.37
CA GLY B 200 10.11 3.17 2.54
C GLY B 200 11.36 3.01 3.39
N ALA B 201 11.47 3.83 4.43
CA ALA B 201 12.59 3.73 5.35
C ALA B 201 12.62 2.34 5.98
N LYS B 202 11.45 1.84 6.34
CA LYS B 202 11.36 0.48 6.89
C LYS B 202 11.92 -0.55 5.92
N TYR B 203 11.50 -0.47 4.66
CA TYR B 203 11.93 -1.43 3.65
C TYR B 203 13.45 -1.38 3.43
N VAL B 204 14.01 -0.18 3.45
CA VAL B 204 15.44 -0.01 3.22
C VAL B 204 16.26 -0.58 4.37
N LEU B 205 15.79 -0.36 5.60
CA LEU B 205 16.49 -0.88 6.78
C LEU B 205 16.23 -2.38 6.94
N GLN B 206 15.14 -2.87 6.37
CA GLN B 206 14.84 -4.29 6.41
C GLN B 206 15.67 -5.03 5.35
N ALA B 207 16.11 -4.28 4.35
CA ALA B 207 17.01 -4.83 3.34
C ALA B 207 18.46 -4.70 3.80
N ASN B 208 18.65 -4.47 5.10
CA ASN B 208 19.97 -4.40 5.70
C ASN B 208 20.82 -3.26 5.16
N LEU B 209 20.43 -2.04 5.52
CA LEU B 209 21.16 -0.86 5.08
C LEU B 209 22.52 -0.76 5.77
N PHE B 210 22.49 -0.71 7.09
CA PHE B 210 23.71 -0.48 7.87
C PHE B 210 24.78 -1.53 7.59
N ARG B 211 24.36 -2.76 7.30
CA ARG B 211 25.30 -3.82 6.97
C ARG B 211 26.01 -3.51 5.67
N ALA B 212 25.25 -3.22 4.62
CA ALA B 212 25.83 -2.92 3.32
C ALA B 212 26.76 -1.71 3.40
N LEU B 213 26.44 -0.77 4.28
CA LEU B 213 27.27 0.41 4.47
C LEU B 213 28.58 0.04 5.15
N GLU B 214 28.52 -0.89 6.10
CA GLU B 214 29.72 -1.38 6.77
C GLU B 214 30.62 -2.13 5.78
N GLN B 215 29.99 -2.85 4.85
CA GLN B 215 30.73 -3.65 3.90
C GLN B 215 31.32 -2.80 2.80
N SER B 216 30.70 -1.65 2.53
CA SER B 216 31.23 -0.71 1.56
C SER B 216 32.50 -0.06 2.08
N GLY B 217 32.62 0.05 3.40
CA GLY B 217 33.79 0.66 4.03
C GLY B 217 33.94 2.13 3.70
N VAL B 218 32.88 2.74 3.19
CA VAL B 218 32.93 4.13 2.76
C VAL B 218 33.09 5.07 3.96
N PHE B 219 32.62 4.65 5.12
CA PHE B 219 32.70 5.49 6.31
C PHE B 219 33.91 5.12 7.16
N ALA B 220 34.27 3.84 7.15
CA ALA B 220 35.42 3.38 7.89
C ALA B 220 36.70 3.71 7.13
N ALA B 221 36.96 5.00 6.95
CA ALA B 221 38.15 5.44 6.23
C ALA B 221 38.33 6.95 6.37
N ASP B 222 39.46 7.44 5.87
CA ASP B 222 39.75 8.87 5.85
C ASP B 222 40.09 9.33 4.43
N PRO B 223 39.88 10.62 4.14
CA PRO B 223 40.19 11.13 2.80
C PRO B 223 41.68 11.40 2.61
N GLU B 224 42.51 10.45 3.04
CA GLU B 224 43.96 10.59 2.95
C GLU B 224 44.66 9.23 2.96
N LEU B 225 44.87 8.61 1.79
CA LEU B 225 44.43 9.11 0.49
C LEU B 225 45.03 10.47 0.16
N SER B 232 48.05 11.89 -8.61
CA SER B 232 48.86 12.40 -9.72
C SER B 232 48.06 12.47 -11.01
N GLY B 233 46.93 11.76 -11.05
CA GLY B 233 46.07 11.76 -12.21
C GLY B 233 44.87 12.70 -12.05
N VAL B 234 44.89 13.48 -10.97
CA VAL B 234 43.81 14.41 -10.66
C VAL B 234 44.18 15.16 -9.39
N PRO B 235 43.90 16.47 -9.34
CA PRO B 235 44.26 17.19 -8.12
C PRO B 235 43.69 16.52 -6.87
N ARG B 236 44.21 16.86 -5.70
CA ARG B 236 43.83 16.21 -4.46
C ARG B 236 42.49 16.72 -3.95
N VAL B 237 42.31 18.03 -3.98
CA VAL B 237 41.11 18.65 -3.44
C VAL B 237 39.86 18.18 -4.19
N VAL B 238 40.02 17.85 -5.47
CA VAL B 238 38.91 17.32 -6.26
C VAL B 238 38.56 15.92 -5.78
N ALA B 239 39.58 15.14 -5.45
CA ALA B 239 39.38 13.79 -4.93
C ALA B 239 38.63 13.85 -3.61
N LEU B 240 38.94 14.87 -2.81
CA LEU B 240 38.27 15.06 -1.53
C LEU B 240 36.85 15.60 -1.68
N GLU B 241 36.61 16.43 -2.69
CA GLU B 241 35.26 16.93 -2.94
C GLU B 241 34.37 15.75 -3.28
N ARG B 242 34.89 14.85 -4.11
CA ARG B 242 34.15 13.66 -4.52
C ARG B 242 33.86 12.73 -3.35
N HIS B 243 34.90 12.36 -2.61
CA HIS B 243 34.73 11.42 -1.52
C HIS B 243 33.71 11.96 -0.53
N TYR B 244 33.92 13.19 -0.08
CA TYR B 244 32.99 13.83 0.85
C TYR B 244 31.58 13.96 0.26
N ALA B 245 31.48 14.11 -1.05
CA ALA B 245 30.18 14.15 -1.71
C ALA B 245 29.42 12.85 -1.45
N LEU B 246 30.06 11.73 -1.74
CA LEU B 246 29.47 10.42 -1.49
C LEU B 246 29.08 10.29 -0.03
N LEU B 247 29.99 10.71 0.85
CA LEU B 247 29.74 10.63 2.30
C LEU B 247 28.50 11.41 2.69
N VAL B 248 28.29 12.54 2.03
CA VAL B 248 27.12 13.38 2.33
C VAL B 248 25.86 12.62 1.94
N ALA B 249 25.82 12.14 0.71
CA ALA B 249 24.66 11.38 0.21
C ALA B 249 24.27 10.26 1.17
N LEU B 250 25.19 9.32 1.38
CA LEU B 250 24.91 8.16 2.22
C LEU B 250 24.57 8.58 3.65
N ALA B 251 25.23 9.62 4.13
CA ALA B 251 24.98 10.12 5.48
C ALA B 251 23.56 10.65 5.59
N ARG B 252 23.06 11.19 4.49
CA ARG B 252 21.70 11.71 4.44
C ARG B 252 20.69 10.56 4.40
N VAL B 253 21.03 9.50 3.68
CA VAL B 253 20.17 8.32 3.62
C VAL B 253 20.06 7.66 4.99
N VAL B 254 21.15 7.65 5.74
CA VAL B 254 21.15 7.05 7.08
C VAL B 254 20.32 7.89 8.04
N GLY B 255 20.56 9.19 8.05
CA GLY B 255 19.82 10.10 8.91
C GLY B 255 18.33 10.06 8.61
N ALA B 256 18.00 9.93 7.33
CA ALA B 256 16.61 9.94 6.88
C ALA B 256 15.91 8.68 7.33
N ALA B 257 16.59 7.55 7.18
CA ALA B 257 16.03 6.26 7.60
C ALA B 257 15.83 6.20 9.10
N VAL B 258 16.74 6.82 9.85
CA VAL B 258 16.67 6.79 11.32
C VAL B 258 15.55 7.66 11.89
N THR B 259 15.42 8.88 11.38
CA THR B 259 14.40 9.80 11.88
C THR B 259 13.01 9.40 11.44
N ALA B 260 12.91 8.74 10.29
CA ALA B 260 11.62 8.47 9.68
C ALA B 260 10.86 7.28 10.27
N ARG B 261 11.21 6.85 11.47
CA ARG B 261 10.55 5.69 12.08
C ARG B 261 9.94 5.87 13.47
N GLY B 262 10.78 6.10 14.47
CA GLY B 262 10.33 6.01 15.85
C GLY B 262 11.46 5.78 16.83
N ALA B 263 11.39 4.67 17.56
CA ALA B 263 12.42 4.34 18.54
C ALA B 263 13.25 3.10 18.18
N HIS B 264 12.71 2.23 17.34
CA HIS B 264 13.36 0.96 17.04
C HIS B 264 14.77 1.11 16.46
N ASN B 265 14.92 1.99 15.48
CA ASN B 265 16.20 2.13 14.78
C ASN B 265 17.07 3.21 15.39
N ILE B 266 16.56 3.87 16.41
CA ILE B 266 17.33 4.86 17.13
C ILE B 266 18.63 4.19 17.58
N VAL B 267 18.51 2.94 18.03
CA VAL B 267 19.67 2.18 18.49
C VAL B 267 20.69 1.96 17.37
N GLN B 268 20.20 1.51 16.21
CA GLN B 268 21.09 1.20 15.09
C GLN B 268 21.83 2.46 14.65
N GLY B 269 21.11 3.58 14.62
CA GLY B 269 21.72 4.85 14.24
C GLY B 269 22.78 5.27 15.22
N ARG B 270 22.54 5.03 16.51
CA ARG B 270 23.53 5.32 17.55
C ARG B 270 24.81 4.54 17.28
N LYS B 271 24.66 3.24 17.05
CA LYS B 271 25.81 2.36 16.83
C LYS B 271 26.55 2.74 15.55
N PHE B 272 25.83 3.28 14.58
CA PHE B 272 26.48 3.76 13.36
C PHE B 272 27.48 4.87 13.68
N LEU B 273 27.10 5.76 14.60
CA LEU B 273 27.96 6.88 14.99
C LEU B 273 29.13 6.40 15.83
N THR B 274 28.85 5.58 16.83
CA THR B 274 29.89 5.07 17.74
C THR B 274 30.97 4.37 16.93
N GLN B 275 30.55 3.43 16.10
CA GLN B 275 31.45 2.62 15.29
C GLN B 275 32.22 3.50 14.31
N HIS B 276 31.60 4.58 13.87
CA HIS B 276 32.24 5.52 12.96
C HIS B 276 32.55 6.85 13.64
N ARG B 277 32.56 6.84 14.97
CA ARG B 277 33.00 8.01 15.71
C ARG B 277 34.44 8.31 15.34
N GLY B 278 34.88 9.53 15.58
CA GLY B 278 36.22 9.93 15.18
C GLY B 278 36.16 10.57 13.80
N LEU B 279 35.42 9.96 12.90
CA LEU B 279 35.15 10.57 11.61
C LEU B 279 34.17 11.72 11.80
N VAL B 280 33.16 11.48 12.63
CA VAL B 280 32.17 12.51 12.94
C VAL B 280 32.84 13.66 13.67
N VAL B 281 33.84 13.35 14.48
CA VAL B 281 34.55 14.36 15.26
C VAL B 281 35.58 15.09 14.40
N HIS B 282 36.21 14.35 13.49
CA HIS B 282 37.19 14.93 12.58
C HIS B 282 36.50 15.87 11.60
N VAL B 283 35.26 15.54 11.26
CA VAL B 283 34.47 16.34 10.32
C VAL B 283 33.89 17.55 11.03
N LEU B 284 33.42 17.34 12.26
CA LEU B 284 32.85 18.43 13.05
C LEU B 284 33.91 19.44 13.47
N LYS B 285 35.16 18.98 13.55
CA LYS B 285 36.25 19.81 14.08
C LYS B 285 37.02 20.64 13.04
N LYS B 286 36.78 21.95 13.04
CA LYS B 286 37.62 22.91 12.32
C LYS B 286 37.13 24.34 12.56
N ARG B 314 41.23 30.05 -10.23
CA ARG B 314 40.46 29.34 -11.25
C ARG B 314 40.21 27.89 -10.84
N ASP B 315 41.27 27.19 -10.49
CA ASP B 315 41.17 25.82 -10.04
C ASP B 315 41.27 25.79 -8.51
N GLU B 316 41.94 26.80 -7.97
CA GLU B 316 42.15 26.90 -6.53
C GLU B 316 40.92 27.48 -5.83
N ILE B 317 40.12 28.23 -6.59
CA ILE B 317 38.90 28.82 -6.05
C ILE B 317 37.78 27.79 -5.92
N LEU B 318 37.64 26.94 -6.93
CA LEU B 318 36.61 25.92 -6.94
C LEU B 318 36.94 24.82 -5.94
N ALA B 319 38.23 24.52 -5.80
CA ALA B 319 38.68 23.48 -4.89
C ALA B 319 38.34 23.85 -3.45
N GLN B 320 38.62 25.10 -3.09
CA GLN B 320 38.37 25.59 -1.74
C GLN B 320 36.89 25.69 -1.44
N GLN B 321 36.18 26.47 -2.25
CA GLN B 321 34.77 26.74 -2.00
C GLN B 321 33.95 25.45 -1.98
N ALA B 322 34.29 24.52 -2.88
CA ALA B 322 33.51 23.29 -3.00
C ALA B 322 33.82 22.29 -1.90
N LEU B 323 35.10 22.07 -1.63
CA LEU B 323 35.48 21.10 -0.60
C LEU B 323 34.88 21.50 0.74
N GLU B 324 35.09 22.75 1.14
CA GLU B 324 34.61 23.20 2.44
C GLU B 324 33.08 23.21 2.52
N GLU B 325 32.42 23.20 1.36
CA GLU B 325 30.96 23.15 1.32
C GLU B 325 30.45 21.73 1.51
N ARG B 326 31.17 20.76 0.93
CA ARG B 326 30.81 19.35 1.09
C ARG B 326 31.07 18.88 2.52
N ILE B 327 32.11 19.42 3.13
CA ILE B 327 32.42 19.09 4.51
C ILE B 327 31.40 19.71 5.45
N GLU B 328 30.89 20.88 5.09
CA GLU B 328 29.84 21.52 5.88
C GLU B 328 28.55 20.73 5.81
N GLU B 329 28.20 20.27 4.61
CA GLU B 329 27.00 19.46 4.42
C GLU B 329 27.08 18.18 5.25
N LEU B 330 28.24 17.52 5.19
CA LEU B 330 28.44 16.29 5.95
C LEU B 330 28.33 16.53 7.46
N ALA B 331 28.89 17.66 7.91
CA ALA B 331 28.83 18.02 9.32
C ALA B 331 27.38 18.20 9.76
N GLU B 332 26.57 18.80 8.90
CA GLU B 332 25.15 18.98 9.20
C GLU B 332 24.47 17.63 9.33
N ALA B 333 24.74 16.73 8.39
CA ALA B 333 24.13 15.41 8.39
C ALA B 333 24.43 14.67 9.70
N PHE B 334 25.69 14.73 10.13
CA PHE B 334 26.10 14.07 11.37
C PHE B 334 25.39 14.67 12.58
N LEU B 336 22.55 16.08 12.60
CA LEU B 336 21.15 15.71 12.53
C LEU B 336 20.96 14.26 12.97
N LEU B 337 21.95 13.43 12.66
CA LEU B 337 21.91 12.03 13.03
C LEU B 337 22.25 11.87 14.51
N ILE B 338 22.92 12.87 15.07
CA ILE B 338 23.27 12.88 16.50
C ILE B 338 22.05 13.25 17.33
N THR B 339 21.41 14.35 16.96
CA THR B 339 20.24 14.84 17.68
C THR B 339 19.07 13.88 17.54
N ALA B 340 19.03 13.12 16.45
CA ALA B 340 17.93 12.20 16.21
C ALA B 340 18.18 10.87 16.90
N THR B 341 19.27 10.81 17.66
CA THR B 341 19.57 9.65 18.48
C THR B 341 19.85 10.17 19.89
N GLY B 342 20.52 9.38 20.72
CA GLY B 342 20.88 9.82 22.06
C GLY B 342 22.39 9.83 22.22
N PHE B 343 23.10 10.14 21.14
CA PHE B 343 24.55 10.09 21.14
C PHE B 343 25.13 10.91 22.30
N LEU B 344 24.66 12.16 22.40
CA LEU B 344 25.15 13.07 23.42
C LEU B 344 24.70 12.61 24.81
N GLU B 345 23.45 12.19 24.92
CA GLU B 345 22.93 11.65 26.17
C GLU B 345 23.78 10.50 26.68
N TYR B 346 24.08 9.57 25.78
CA TYR B 346 24.90 8.40 26.10
C TYR B 346 26.31 8.78 26.54
N GLU B 347 26.96 9.60 25.73
CA GLU B 347 28.33 10.03 25.96
C GLU B 347 28.49 10.74 27.30
#